data_6IMX
#
_entry.id   6IMX
#
_cell.length_a   43.010
_cell.length_b   85.880
_cell.length_c   64.190
_cell.angle_alpha   90.00
_cell.angle_beta   90.00
_cell.angle_gamma   90.00
#
_symmetry.space_group_name_H-M   'P 21 21 2'
#
loop_
_entity.id
_entity.type
_entity.pdbx_description
1 polymer Transthyretin
2 non-polymer 1,4,7,10,13,16-HEXAOXACYCLOOCTADECANE
3 water water
#
_entity_poly.entity_id   1
_entity_poly.type   'polypeptide(L)'
_entity_poly.pdbx_seq_one_letter_code
;MRGSHHHHHHGSMASHRLLLLCLAGLVFVSEAGPTGTGESKCPLMVKVLDAVRGSPAINVAMHVFRKAADDTWEPFASGK
TSESGELHGLTTEEEFVEGIYKVEIDTKSYWKALGISPFHEHAEVVFTANDSGPRRYTIAALLSPYSYSTTAVVTNPKE
;
_entity_poly.pdbx_strand_id   A,B
#
# COMPACT_ATOMS: atom_id res chain seq x y z
N CYS A 42 -21.92 7.09 7.75
CA CYS A 42 -20.47 7.01 7.69
C CYS A 42 -20.03 5.78 6.88
N PRO A 43 -20.19 5.85 5.55
CA PRO A 43 -19.83 4.70 4.71
C PRO A 43 -18.34 4.40 4.61
N LEU A 44 -17.47 5.33 4.97
CA LEU A 44 -16.03 5.10 4.87
C LEU A 44 -15.37 5.64 6.13
N MET A 45 -14.65 4.79 6.85
CA MET A 45 -13.91 5.18 8.04
C MET A 45 -12.50 4.60 7.94
N VAL A 46 -11.51 5.32 8.44
CA VAL A 46 -10.13 4.87 8.43
C VAL A 46 -9.61 4.87 9.87
N LYS A 47 -8.98 3.77 10.27
CA LYS A 47 -8.42 3.62 11.62
CA LYS A 47 -8.44 3.60 11.61
C LYS A 47 -6.95 3.28 11.50
N VAL A 48 -6.11 4.04 12.22
CA VAL A 48 -4.66 3.89 12.13
C VAL A 48 -4.07 3.64 13.51
N LEU A 49 -3.20 2.64 13.61
CA LEU A 49 -2.59 2.23 14.87
C LEU A 49 -1.06 2.25 14.74
N ASP A 50 -0.39 2.51 15.86
CA ASP A 50 1.06 2.59 15.96
C ASP A 50 1.56 1.32 16.67
N ALA A 51 2.30 0.49 15.94
CA ALA A 51 2.77 -0.78 16.49
C ALA A 51 4.03 -0.65 17.34
N VAL A 52 4.70 0.51 17.33
CA VAL A 52 5.84 0.74 18.21
C VAL A 52 5.39 1.09 19.61
N ARG A 53 4.43 2.03 19.72
CA ARG A 53 3.94 2.47 21.02
C ARG A 53 2.73 1.68 21.53
N GLY A 54 2.06 0.90 20.68
CA GLY A 54 0.83 0.28 21.10
C GLY A 54 -0.27 1.29 21.39
N SER A 55 -0.50 2.18 20.45
CA SER A 55 -1.39 3.32 20.66
CA SER A 55 -1.39 3.32 20.66
C SER A 55 -2.09 3.63 19.35
N PRO A 56 -3.23 4.32 19.41
CA PRO A 56 -3.76 4.90 18.17
C PRO A 56 -2.71 5.85 17.59
N ALA A 57 -2.70 5.96 16.26
CA ALA A 57 -1.82 6.90 15.59
C ALA A 57 -2.61 8.19 15.38
N ILE A 58 -2.23 9.23 16.09
CA ILE A 58 -3.04 10.43 16.21
C ILE A 58 -2.47 11.49 15.27
N ASN A 59 -3.36 12.29 14.68
CA ASN A 59 -2.99 13.41 13.81
C ASN A 59 -2.31 12.93 12.52
N VAL A 60 -2.70 11.78 12.00
CA VAL A 60 -2.15 11.26 10.75
C VAL A 60 -2.99 11.81 9.62
N ALA A 61 -2.35 12.52 8.69
CA ALA A 61 -3.08 13.05 7.53
C ALA A 61 -3.33 11.96 6.50
N MET A 62 -4.45 12.09 5.78
CA MET A 62 -4.66 11.25 4.63
C MET A 62 -5.53 11.96 3.61
N HIS A 63 -5.35 11.57 2.36
CA HIS A 63 -6.12 12.10 1.24
C HIS A 63 -6.75 10.93 0.50
N VAL A 64 -8.02 11.08 0.14
CA VAL A 64 -8.75 10.07 -0.63
C VAL A 64 -8.96 10.61 -2.02
N PHE A 65 -8.78 9.75 -3.03
CA PHE A 65 -8.96 10.11 -4.43
C PHE A 65 -9.87 9.09 -5.08
N ARG A 66 -10.53 9.52 -6.15
CA ARG A 66 -11.42 8.66 -6.93
C ARG A 66 -10.99 8.71 -8.39
N LYS A 67 -10.98 7.55 -9.04
CA LYS A 67 -10.56 7.51 -10.44
C LYS A 67 -11.64 8.13 -11.33
N ALA A 68 -11.24 9.08 -12.17
CA ALA A 68 -12.18 9.77 -13.04
C ALA A 68 -12.36 9.02 -14.35
N ALA A 69 -13.24 9.54 -15.21
CA ALA A 69 -13.51 8.89 -16.49
C ALA A 69 -12.31 8.94 -17.41
N ASP A 70 -11.43 9.93 -17.21
CA ASP A 70 -10.22 10.09 -18.01
C ASP A 70 -9.03 9.32 -17.43
N ASP A 71 -9.26 8.51 -16.40
CA ASP A 71 -8.22 7.69 -15.77
C ASP A 71 -7.15 8.56 -15.10
N THR A 72 -7.60 9.57 -14.37
CA THR A 72 -6.76 10.33 -13.46
C THR A 72 -7.38 10.25 -12.07
N TRP A 73 -6.57 10.55 -11.05
CA TRP A 73 -7.04 10.51 -9.67
C TRP A 73 -7.56 11.88 -9.27
N GLU A 74 -8.80 11.99 -9.08
CA GLU A 74 -9.43 13.23 -8.66
C GLU A 74 -9.56 13.29 -7.15
N PRO A 75 -9.23 14.43 -6.54
CA PRO A 75 -9.43 14.57 -5.09
C PRO A 75 -10.88 14.32 -4.69
N PHE A 76 -11.05 13.55 -3.62
CA PHE A 76 -12.36 13.13 -3.12
C PHE A 76 -12.63 13.67 -1.72
N ALA A 77 -11.79 13.32 -0.74
CA ALA A 77 -11.95 13.79 0.63
C ALA A 77 -10.59 13.74 1.28
N SER A 78 -10.46 14.43 2.42
CA SER A 78 -9.21 14.35 3.19
C SER A 78 -9.52 14.66 4.65
N GLY A 79 -8.56 14.31 5.51
CA GLY A 79 -8.69 14.64 6.93
C GLY A 79 -7.50 14.11 7.71
N LYS A 80 -7.61 14.20 9.03
CA LYS A 80 -6.58 13.72 9.96
C LYS A 80 -7.22 12.87 11.05
N THR A 81 -6.49 11.86 11.51
CA THR A 81 -7.02 11.00 12.55
C THR A 81 -7.15 11.72 13.89
N SER A 82 -8.11 11.27 14.69
CA SER A 82 -8.41 11.88 15.99
C SER A 82 -7.54 11.22 17.06
N GLU A 83 -7.83 11.55 18.33
CA GLU A 83 -7.11 10.93 19.44
C GLU A 83 -7.37 9.43 19.54
N SER A 84 -8.44 8.94 18.93
CA SER A 84 -8.71 7.52 18.84
C SER A 84 -8.02 6.87 17.65
N GLY A 85 -7.30 7.64 16.84
CA GLY A 85 -6.68 7.14 15.64
C GLY A 85 -7.64 6.90 14.51
N GLU A 86 -8.87 7.40 14.62
CA GLU A 86 -9.91 7.22 13.61
C GLU A 86 -10.20 8.53 12.88
N LEU A 87 -10.58 8.40 11.61
CA LEU A 87 -11.03 9.53 10.81
CA LEU A 87 -11.03 9.53 10.81
C LEU A 87 -12.43 9.19 10.33
N HIS A 88 -13.42 9.96 10.80
CA HIS A 88 -14.80 9.74 10.41
C HIS A 88 -15.26 10.92 9.56
N GLY A 89 -16.48 10.79 9.03
CA GLY A 89 -17.11 11.88 8.28
C GLY A 89 -16.51 12.21 6.94
N LEU A 90 -15.72 11.31 6.34
CA LEU A 90 -15.05 11.67 5.10
C LEU A 90 -16.04 11.90 3.95
N THR A 91 -17.18 11.20 3.97
CA THR A 91 -18.11 11.26 2.82
C THR A 91 -19.52 10.92 3.31
N THR A 92 -20.46 10.84 2.37
CA THR A 92 -21.83 10.48 2.66
C THR A 92 -22.23 9.35 1.74
N GLU A 93 -23.32 8.65 2.09
CA GLU A 93 -23.79 7.58 1.21
C GLU A 93 -24.13 8.12 -0.17
N GLU A 94 -24.65 9.34 -0.25
CA GLU A 94 -25.03 9.90 -1.54
C GLU A 94 -23.80 10.23 -2.39
N GLU A 95 -22.75 10.78 -1.77
CA GLU A 95 -21.55 11.17 -2.50
C GLU A 95 -20.64 10.00 -2.85
N PHE A 96 -20.69 8.88 -2.11
CA PHE A 96 -19.68 7.85 -2.29
C PHE A 96 -20.39 6.88 -3.22
N VAL A 97 -20.07 7.01 -4.50
CA VAL A 97 -20.74 6.25 -5.54
C VAL A 97 -19.78 5.14 -5.91
N GLU A 98 -20.23 4.26 -6.81
CA GLU A 98 -19.38 3.22 -7.36
C GLU A 98 -18.14 3.84 -7.99
N GLY A 99 -16.99 3.22 -7.77
CA GLY A 99 -15.76 3.72 -8.35
C GLY A 99 -14.54 3.03 -7.77
N ILE A 100 -13.40 3.41 -8.30
CA ILE A 100 -12.10 2.99 -7.77
C ILE A 100 -11.55 4.14 -6.93
N TYR A 101 -11.24 3.84 -5.67
CA TYR A 101 -10.81 4.84 -4.72
C TYR A 101 -9.40 4.54 -4.25
N LYS A 102 -8.66 5.59 -3.92
CA LYS A 102 -7.33 5.45 -3.33
C LYS A 102 -7.28 6.25 -2.03
N VAL A 103 -6.89 5.59 -0.94
CA VAL A 103 -6.62 6.24 0.33
C VAL A 103 -5.11 6.31 0.50
N GLU A 104 -4.56 7.53 0.56
CA GLU A 104 -3.14 7.75 0.71
C GLU A 104 -2.91 8.28 2.13
N ILE A 105 -2.26 7.50 2.98
CA ILE A 105 -2.07 7.85 4.39
C ILE A 105 -0.66 8.35 4.55
N ASP A 106 -0.45 9.56 5.10
CA ASP A 106 0.92 10.04 5.07
C ASP A 106 1.54 9.54 6.35
N THR A 107 2.23 8.41 6.21
CA THR A 107 2.90 7.77 7.32
C THR A 107 4.26 8.40 7.55
N LYS A 108 4.87 8.91 6.48
CA LYS A 108 6.22 9.46 6.62
C LYS A 108 6.23 10.64 7.59
N SER A 109 5.32 11.58 7.42
CA SER A 109 5.28 12.73 8.33
C SER A 109 4.98 12.30 9.76
N TYR A 110 4.12 11.30 9.92
CA TYR A 110 3.84 10.74 11.24
C TYR A 110 5.13 10.30 11.93
N TRP A 111 5.93 9.47 11.24
CA TRP A 111 7.14 8.94 11.89
C TRP A 111 8.18 10.02 12.10
N LYS A 112 8.33 10.94 11.14
CA LYS A 112 9.35 11.98 11.27
C LYS A 112 9.08 12.87 12.47
N ALA A 113 7.80 13.17 12.73
CA ALA A 113 7.44 13.98 13.90
C ALA A 113 7.82 13.29 15.20
N LEU A 114 7.89 11.95 15.19
CA LEU A 114 8.31 11.16 16.34
C LEU A 114 9.81 10.91 16.38
N GLY A 115 10.56 11.48 15.46
CA GLY A 115 12.01 11.34 15.40
C GLY A 115 12.52 10.13 14.65
N ILE A 116 11.65 9.44 13.91
CA ILE A 116 12.00 8.21 13.21
C ILE A 116 12.03 8.51 11.73
N SER A 117 13.08 8.04 11.03
CA SER A 117 13.10 8.16 9.58
C SER A 117 12.61 6.84 9.00
N PRO A 118 11.38 6.78 8.45
CA PRO A 118 10.82 5.48 8.04
C PRO A 118 11.11 5.11 6.60
N PHE A 119 10.70 3.90 6.21
CA PHE A 119 10.99 3.41 4.86
C PHE A 119 10.05 4.01 3.82
N HIS A 120 8.75 3.98 4.08
CA HIS A 120 7.73 4.27 3.07
C HIS A 120 7.41 5.76 3.00
N GLU A 121 7.11 6.22 1.79
CA GLU A 121 6.64 7.60 1.64
C GLU A 121 5.24 7.76 2.22
N HIS A 122 4.39 6.76 2.00
CA HIS A 122 3.03 6.73 2.52
C HIS A 122 2.55 5.30 2.40
N ALA A 123 1.33 5.06 2.87
CA ALA A 123 0.67 3.78 2.70
C ALA A 123 -0.53 4.06 1.82
N GLU A 124 -0.64 3.33 0.71
CA GLU A 124 -1.70 3.51 -0.28
C GLU A 124 -2.63 2.32 -0.21
N VAL A 125 -3.94 2.58 -0.24
CA VAL A 125 -4.95 1.53 -0.24
C VAL A 125 -5.86 1.80 -1.43
N VAL A 126 -5.89 0.90 -2.40
CA VAL A 126 -6.63 1.14 -3.65
C VAL A 126 -7.65 0.03 -3.84
N PHE A 127 -8.91 0.40 -4.05
CA PHE A 127 -9.97 -0.60 -4.07
C PHE A 127 -11.17 -0.10 -4.88
N THR A 128 -11.96 -1.05 -5.38
CA THR A 128 -13.26 -0.72 -5.96
C THR A 128 -14.31 -0.73 -4.85
N ALA A 129 -15.16 0.29 -4.83
CA ALA A 129 -16.19 0.40 -3.80
C ALA A 129 -17.58 0.44 -4.41
N ASN A 130 -18.54 -0.13 -3.68
CA ASN A 130 -19.98 0.01 -3.96
C ASN A 130 -20.38 -0.61 -5.30
N ASP A 131 -19.57 -1.58 -5.77
CA ASP A 131 -19.82 -2.27 -7.03
C ASP A 131 -21.14 -3.05 -6.98
N SER A 132 -21.39 -3.74 -5.87
CA SER A 132 -22.58 -4.55 -5.64
C SER A 132 -23.72 -3.80 -4.95
N GLY A 133 -23.60 -2.49 -4.78
CA GLY A 133 -24.48 -1.74 -3.94
C GLY A 133 -23.75 -1.22 -2.72
N PRO A 134 -24.40 -0.32 -1.97
CA PRO A 134 -23.70 0.39 -0.89
C PRO A 134 -23.25 -0.53 0.23
N ARG A 135 -22.02 -0.31 0.69
CA ARG A 135 -21.45 -1.02 1.82
C ARG A 135 -20.80 0.00 2.75
N ARG A 136 -20.53 -0.46 3.98
CA ARG A 136 -19.76 0.32 4.93
C ARG A 136 -18.34 -0.23 4.94
N TYR A 137 -17.35 0.65 4.74
CA TYR A 137 -15.95 0.25 4.62
C TYR A 137 -15.18 0.85 5.78
N THR A 138 -14.50 0.01 6.56
CA THR A 138 -13.48 0.47 7.51
C THR A 138 -12.12 0.01 7.00
N ILE A 139 -11.24 0.95 6.72
CA ILE A 139 -9.88 0.69 6.29
C ILE A 139 -9.00 0.84 7.53
N ALA A 140 -8.32 -0.22 7.92
CA ALA A 140 -7.41 -0.20 9.06
C ALA A 140 -5.97 -0.27 8.57
N ALA A 141 -5.08 0.44 9.24
CA ALA A 141 -3.66 0.41 8.91
C ALA A 141 -2.91 0.27 10.22
N LEU A 142 -1.91 -0.62 10.23
CA LEU A 142 -1.06 -0.86 11.40
C LEU A 142 0.35 -0.50 10.99
N LEU A 143 0.96 0.48 11.67
CA LEU A 143 2.19 1.11 11.21
C LEU A 143 3.41 0.74 12.08
N SER A 144 4.51 0.41 11.41
CA SER A 144 5.85 0.33 11.99
C SER A 144 6.77 1.09 11.05
N PRO A 145 7.98 1.48 11.51
CA PRO A 145 8.82 2.30 10.62
C PRO A 145 9.13 1.66 9.27
N TYR A 146 9.50 0.38 9.24
CA TYR A 146 9.83 -0.37 8.03
C TYR A 146 8.72 -1.29 7.50
N SER A 147 7.52 -1.26 8.09
CA SER A 147 6.51 -2.23 7.73
C SER A 147 5.15 -1.63 8.00
N TYR A 148 4.17 -2.00 7.18
CA TYR A 148 2.79 -1.71 7.56
C TYR A 148 1.87 -2.79 7.02
N SER A 149 0.70 -2.88 7.65
CA SER A 149 -0.34 -3.77 7.21
CA SER A 149 -0.33 -3.76 7.17
CA SER A 149 -0.35 -3.78 7.22
C SER A 149 -1.62 -2.97 7.01
N THR A 150 -2.45 -3.41 6.09
CA THR A 150 -3.74 -2.76 5.92
C THR A 150 -4.80 -3.84 5.70
N THR A 151 -5.97 -3.62 6.30
CA THR A 151 -7.06 -4.59 6.28
C THR A 151 -8.33 -3.82 6.03
N ALA A 152 -9.25 -4.40 5.27
CA ALA A 152 -10.56 -3.81 5.09
C ALA A 152 -11.60 -4.67 5.78
N VAL A 153 -12.48 -4.02 6.54
CA VAL A 153 -13.66 -4.65 7.10
C VAL A 153 -14.87 -4.05 6.40
N VAL A 154 -15.65 -4.88 5.71
CA VAL A 154 -16.71 -4.41 4.84
C VAL A 154 -17.99 -5.04 5.34
N THR A 155 -18.97 -4.20 5.71
CA THR A 155 -20.21 -4.68 6.31
C THR A 155 -21.41 -4.15 5.53
N ASN A 156 -22.55 -4.80 5.72
CA ASN A 156 -23.76 -4.47 4.97
C ASN A 156 -24.95 -4.28 5.90
N CYS B 42 22.32 -7.21 -7.53
CA CYS B 42 20.87 -7.28 -7.33
C CYS B 42 20.45 -6.39 -6.16
N PRO B 43 20.35 -5.09 -6.42
CA PRO B 43 19.99 -4.16 -5.34
C PRO B 43 18.55 -4.23 -4.89
N LEU B 44 17.64 -4.79 -5.69
CA LEU B 44 16.22 -4.76 -5.38
C LEU B 44 15.62 -6.11 -5.71
N MET B 45 15.00 -6.74 -4.70
CA MET B 45 14.30 -8.02 -4.85
C MET B 45 12.93 -7.90 -4.20
N VAL B 46 11.96 -8.64 -4.73
CA VAL B 46 10.62 -8.65 -4.16
C VAL B 46 10.21 -10.09 -3.86
N LYS B 47 9.67 -10.33 -2.66
CA LYS B 47 9.22 -11.66 -2.26
CA LYS B 47 9.23 -11.65 -2.24
C LYS B 47 7.78 -11.58 -1.80
N VAL B 48 6.92 -12.45 -2.36
CA VAL B 48 5.49 -12.41 -2.09
C VAL B 48 5.03 -13.76 -1.53
N LEU B 49 4.26 -13.73 -0.44
CA LEU B 49 3.75 -14.93 0.21
C LEU B 49 2.22 -14.92 0.26
N ASP B 50 1.63 -16.11 0.25
CA ASP B 50 0.18 -16.31 0.26
C ASP B 50 -0.19 -16.81 1.66
N ALA B 51 -0.96 -16.00 2.39
CA ALA B 51 -1.31 -16.30 3.77
C ALA B 51 -2.51 -17.23 3.88
N VAL B 52 -3.24 -17.45 2.79
CA VAL B 52 -4.37 -18.37 2.77
C VAL B 52 -3.87 -19.80 2.61
N ARG B 53 -2.97 -20.02 1.65
CA ARG B 53 -2.44 -21.35 1.40
C ARG B 53 -1.13 -21.66 2.09
N GLY B 54 -0.46 -20.67 2.70
CA GLY B 54 0.82 -20.93 3.35
C GLY B 54 1.90 -21.32 2.36
N SER B 55 2.06 -20.52 1.32
CA SER B 55 2.93 -20.87 0.21
C SER B 55 3.52 -19.60 -0.36
N PRO B 56 4.63 -19.68 -1.10
CA PRO B 56 4.99 -18.57 -1.98
C PRO B 56 3.84 -18.24 -2.91
N ALA B 57 3.74 -16.96 -3.25
CA ALA B 57 2.74 -16.52 -4.23
C ALA B 57 3.44 -16.50 -5.58
N ILE B 58 3.05 -17.43 -6.43
CA ILE B 58 3.76 -17.75 -7.68
C ILE B 58 3.05 -17.08 -8.83
N ASN B 59 3.83 -16.59 -9.79
CA ASN B 59 3.30 -15.97 -11.01
CA ASN B 59 3.34 -15.95 -11.02
C ASN B 59 2.54 -14.67 -10.73
N VAL B 60 2.97 -13.94 -9.71
CA VAL B 60 2.38 -12.64 -9.40
C VAL B 60 3.10 -11.58 -10.22
N ALA B 61 2.34 -10.83 -11.02
CA ALA B 61 2.95 -9.78 -11.81
C ALA B 61 3.15 -8.54 -10.97
N MET B 62 4.21 -7.80 -11.28
CA MET B 62 4.40 -6.52 -10.63
C MET B 62 5.14 -5.58 -11.57
N HIS B 63 4.90 -4.28 -11.38
CA HIS B 63 5.60 -3.24 -12.13
C HIS B 63 6.24 -2.28 -11.14
N VAL B 64 7.47 -1.84 -11.46
CA VAL B 64 8.18 -0.85 -10.68
C VAL B 64 8.26 0.42 -11.49
N PHE B 65 8.09 1.56 -10.82
CA PHE B 65 8.10 2.88 -11.45
C PHE B 65 9.04 3.78 -10.66
N ARG B 66 9.61 4.77 -11.34
CA ARG B 66 10.45 5.77 -10.71
C ARG B 66 9.85 7.14 -10.97
N LYS B 67 9.78 7.97 -9.92
CA LYS B 67 9.16 9.28 -10.09
C LYS B 67 10.07 10.20 -10.89
N ALA B 68 9.50 10.89 -11.88
CA ALA B 68 10.26 11.82 -12.70
C ALA B 68 10.04 13.25 -12.22
N ALA B 69 10.74 14.19 -12.86
CA ALA B 69 10.70 15.59 -12.42
C ALA B 69 9.33 16.21 -12.64
N ASP B 70 8.59 15.75 -13.65
CA ASP B 70 7.22 16.15 -13.91
C ASP B 70 6.24 15.59 -12.89
N ASP B 71 6.72 14.78 -11.94
CA ASP B 71 5.87 14.16 -10.92
C ASP B 71 4.89 13.16 -11.52
N THR B 72 5.35 12.44 -12.52
CA THR B 72 4.63 11.28 -13.03
C THR B 72 5.51 10.07 -12.83
N TRP B 73 4.86 8.91 -12.84
CA TRP B 73 5.55 7.65 -12.63
C TRP B 73 6.03 7.10 -13.97
N GLU B 74 7.33 6.97 -14.10
CA GLU B 74 7.91 6.41 -15.31
C GLU B 74 8.15 4.92 -15.13
N PRO B 75 7.78 4.08 -16.08
CA PRO B 75 8.09 2.65 -15.97
C PRO B 75 9.59 2.44 -15.81
N PHE B 76 9.93 1.50 -14.95
CA PHE B 76 11.30 1.24 -14.52
C PHE B 76 11.67 -0.22 -14.75
N ALA B 77 10.92 -1.15 -14.15
CA ALA B 77 11.18 -2.58 -14.28
C ALA B 77 9.89 -3.33 -14.03
N SER B 78 9.83 -4.58 -14.47
CA SER B 78 8.66 -5.41 -14.14
C SER B 78 9.01 -6.88 -14.30
N GLY B 79 8.14 -7.73 -13.74
CA GLY B 79 8.29 -9.17 -13.90
C GLY B 79 7.18 -9.92 -13.19
N LYS B 80 7.36 -11.23 -13.08
CA LYS B 80 6.44 -12.12 -12.39
C LYS B 80 7.22 -12.93 -11.37
N THR B 81 6.63 -13.22 -10.22
CA THR B 81 7.35 -14.00 -9.22
C THR B 81 7.56 -15.44 -9.69
N SER B 82 8.68 -16.02 -9.25
CA SER B 82 9.05 -17.38 -9.56
C SER B 82 8.32 -18.35 -8.64
N GLU B 83 8.65 -19.63 -8.77
CA GLU B 83 8.08 -20.67 -7.93
C GLU B 83 8.43 -20.49 -6.45
N SER B 84 9.48 -19.75 -6.13
CA SER B 84 9.80 -19.40 -4.75
C SER B 84 9.08 -18.14 -4.28
N GLY B 85 8.24 -17.56 -5.14
CA GLY B 85 7.58 -16.31 -4.80
C GLY B 85 8.47 -15.10 -4.89
N GLU B 86 9.64 -15.22 -5.53
CA GLU B 86 10.59 -14.13 -5.59
C GLU B 86 10.76 -13.61 -7.00
N LEU B 87 11.08 -12.32 -7.09
CA LEU B 87 11.39 -11.69 -8.37
C LEU B 87 12.77 -11.05 -8.25
N HIS B 88 13.73 -11.58 -8.99
CA HIS B 88 15.11 -11.17 -8.96
C HIS B 88 15.46 -10.55 -10.31
N GLY B 89 16.51 -9.74 -10.32
CA GLY B 89 17.01 -9.21 -11.58
C GLY B 89 16.27 -8.01 -12.09
N LEU B 90 15.51 -7.31 -11.25
CA LEU B 90 14.74 -6.17 -11.70
C LEU B 90 15.63 -5.05 -12.21
N THR B 91 16.78 -4.84 -11.58
CA THR B 91 17.63 -3.71 -11.93
C THR B 91 19.08 -4.05 -11.60
N THR B 92 19.95 -3.07 -11.80
CA THR B 92 21.36 -3.21 -11.52
C THR B 92 21.80 -2.07 -10.62
N GLU B 93 22.97 -2.23 -10.00
CA GLU B 93 23.46 -1.19 -9.12
C GLU B 93 23.66 0.12 -9.87
N GLU B 94 24.12 0.06 -11.12
CA GLU B 94 24.35 1.30 -11.87
C GLU B 94 23.04 2.01 -12.16
N GLU B 95 21.98 1.25 -12.46
CA GLU B 95 20.71 1.85 -12.84
C GLU B 95 19.88 2.31 -11.64
N PHE B 96 20.04 1.68 -10.48
CA PHE B 96 19.13 2.00 -9.39
C PHE B 96 19.84 3.11 -8.64
N VAL B 97 19.42 4.35 -8.91
CA VAL B 97 19.99 5.51 -8.26
C VAL B 97 18.98 6.01 -7.24
N GLU B 98 19.41 7.00 -6.46
CA GLU B 98 18.52 7.61 -5.49
C GLU B 98 17.32 8.21 -6.19
N GLY B 99 16.17 8.12 -5.56
CA GLY B 99 14.93 8.55 -6.18
C GLY B 99 13.76 7.97 -5.41
N ILE B 100 12.57 8.26 -5.89
CA ILE B 100 11.34 7.72 -5.32
C ILE B 100 10.83 6.62 -6.24
N TYR B 101 10.56 5.45 -5.68
CA TYR B 101 10.17 4.30 -6.46
C TYR B 101 8.82 3.80 -5.96
N LYS B 102 8.05 3.21 -6.87
CA LYS B 102 6.77 2.59 -6.54
C LYS B 102 6.79 1.18 -7.08
N VAL B 103 6.46 0.21 -6.22
CA VAL B 103 6.26 -1.18 -6.66
C VAL B 103 4.76 -1.47 -6.58
N GLU B 104 4.16 -1.81 -7.72
CA GLU B 104 2.75 -2.16 -7.81
C GLU B 104 2.63 -3.65 -8.07
N ILE B 105 2.01 -4.37 -7.14
CA ILE B 105 1.93 -5.82 -7.20
C ILE B 105 0.49 -6.16 -7.58
N ASP B 106 0.29 -6.97 -8.64
CA ASP B 106 -1.10 -7.14 -9.07
C ASP B 106 -1.60 -8.32 -8.25
N THR B 107 -2.20 -7.96 -7.12
CA THR B 107 -2.73 -8.94 -6.20
C THR B 107 -4.11 -9.37 -6.65
N LYS B 108 -4.83 -8.47 -7.33
CA LYS B 108 -6.20 -8.78 -7.73
C LYS B 108 -6.23 -9.96 -8.70
N SER B 109 -5.37 -9.93 -9.72
CA SER B 109 -5.31 -11.06 -10.67
C SER B 109 -4.92 -12.36 -9.97
N TYR B 110 -4.05 -12.29 -8.96
CA TYR B 110 -3.64 -13.48 -8.23
C TYR B 110 -4.83 -14.14 -7.54
N TRP B 111 -5.63 -13.36 -6.79
CA TRP B 111 -6.76 -13.94 -6.09
C TRP B 111 -7.85 -14.36 -7.06
N LYS B 112 -8.04 -13.62 -8.14
CA LYS B 112 -9.05 -14.00 -9.12
C LYS B 112 -8.71 -15.34 -9.76
N ALA B 113 -7.43 -15.64 -9.96
CA ALA B 113 -7.05 -16.95 -10.47
C ALA B 113 -7.36 -18.07 -9.49
N LEU B 114 -7.32 -17.78 -8.19
CA LEU B 114 -7.67 -18.75 -7.16
C LEU B 114 -9.15 -18.81 -6.86
N GLY B 115 -9.95 -17.90 -7.41
CA GLY B 115 -11.39 -17.93 -7.19
C GLY B 115 -11.83 -17.34 -5.87
N ILE B 116 -11.04 -16.43 -5.29
CA ILE B 116 -11.37 -15.79 -4.03
C ILE B 116 -11.50 -14.29 -4.29
N SER B 117 -12.60 -13.70 -3.84
CA SER B 117 -12.88 -12.30 -4.14
C SER B 117 -11.96 -11.41 -3.33
N PRO B 118 -11.03 -10.68 -3.96
CA PRO B 118 -10.14 -9.76 -3.24
C PRO B 118 -10.73 -8.38 -3.00
N PHE B 119 -10.23 -7.69 -1.97
CA PHE B 119 -10.60 -6.29 -1.75
C PHE B 119 -9.81 -5.30 -2.61
N HIS B 120 -8.48 -5.42 -2.64
CA HIS B 120 -7.62 -4.39 -3.23
C HIS B 120 -7.46 -4.57 -4.73
N GLU B 121 -7.29 -3.43 -5.43
CA GLU B 121 -6.92 -3.48 -6.84
C GLU B 121 -5.50 -3.98 -7.02
N HIS B 122 -4.60 -3.53 -6.15
CA HIS B 122 -3.23 -4.01 -6.12
C HIS B 122 -2.64 -3.57 -4.80
N ALA B 123 -1.41 -3.98 -4.54
CA ALA B 123 -0.67 -3.58 -3.36
C ALA B 123 0.44 -2.68 -3.87
N GLU B 124 0.58 -1.50 -3.26
CA GLU B 124 1.57 -0.54 -3.72
C GLU B 124 2.56 -0.26 -2.61
N VAL B 125 3.84 -0.16 -2.97
CA VAL B 125 4.90 0.10 -2.01
C VAL B 125 5.70 1.27 -2.55
N VAL B 126 5.69 2.40 -1.85
CA VAL B 126 6.30 3.64 -2.33
C VAL B 126 7.37 4.07 -1.33
N PHE B 127 8.58 4.31 -1.82
CA PHE B 127 9.72 4.55 -0.92
C PHE B 127 10.80 5.33 -1.66
N THR B 128 11.66 5.98 -0.88
CA THR B 128 12.85 6.66 -1.41
C THR B 128 14.05 5.74 -1.25
N ALA B 129 14.80 5.54 -2.33
CA ALA B 129 16.10 4.87 -2.22
C ALA B 129 17.14 5.91 -1.82
N ASN B 130 17.93 5.60 -0.79
CA ASN B 130 18.89 6.54 -0.23
C ASN B 130 20.23 5.84 -0.05
N ASP B 131 21.30 6.46 -0.55
CA ASP B 131 22.61 5.81 -0.57
C ASP B 131 23.27 5.76 0.80
N SER B 132 22.88 6.63 1.73
CA SER B 132 23.41 6.54 3.08
C SER B 132 23.02 5.22 3.74
N GLY B 133 21.88 4.66 3.35
CA GLY B 133 21.45 3.39 3.88
C GLY B 133 22.17 2.23 3.24
N PRO B 134 21.82 1.02 3.71
CA PRO B 134 22.45 -0.20 3.19
C PRO B 134 22.13 -0.45 1.72
N ARG B 135 22.92 -1.36 1.13
CA ARG B 135 22.91 -1.53 -0.33
C ARG B 135 21.63 -2.18 -0.83
N ARG B 136 21.17 -3.25 -0.17
CA ARG B 136 20.18 -4.13 -0.79
C ARG B 136 18.80 -3.96 -0.18
N TYR B 137 17.79 -3.90 -1.03
CA TYR B 137 16.41 -3.71 -0.62
C TYR B 137 15.64 -4.97 -1.00
N THR B 138 15.11 -5.65 0.01
CA THR B 138 14.14 -6.72 -0.20
C THR B 138 12.78 -6.21 0.25
N ILE B 139 11.83 -6.18 -0.68
CA ILE B 139 10.46 -5.80 -0.38
C ILE B 139 9.69 -7.09 -0.21
N ALA B 140 9.15 -7.32 0.98
CA ALA B 140 8.35 -8.51 1.24
C ALA B 140 6.88 -8.10 1.32
N ALA B 141 6.01 -8.95 0.78
CA ALA B 141 4.58 -8.73 0.84
C ALA B 141 3.91 -10.02 1.26
N LEU B 142 2.98 -9.94 2.20
CA LEU B 142 2.22 -11.08 2.70
C LEU B 142 0.77 -10.81 2.37
N LEU B 143 0.16 -11.69 1.57
CA LEU B 143 -1.14 -11.43 0.96
C LEU B 143 -2.27 -12.27 1.56
N SER B 144 -3.38 -11.61 1.88
CA SER B 144 -4.67 -12.21 2.16
C SER B 144 -5.70 -11.49 1.30
N PRO B 145 -6.88 -12.09 1.09
CA PRO B 145 -7.83 -11.44 0.18
C PRO B 145 -8.24 -10.04 0.61
N TYR B 146 -8.50 -9.83 1.90
CA TYR B 146 -8.90 -8.53 2.45
C TYR B 146 -7.79 -7.77 3.19
N SER B 147 -6.55 -8.26 3.16
CA SER B 147 -5.51 -7.64 3.96
C SER B 147 -4.15 -7.95 3.34
N TYR B 148 -3.23 -7.01 3.43
CA TYR B 148 -1.84 -7.33 3.13
C TYR B 148 -0.90 -6.57 4.04
N SER B 149 0.29 -7.11 4.21
CA SER B 149 1.37 -6.39 4.89
C SER B 149 2.58 -6.32 3.97
N THR B 150 3.35 -5.26 4.13
CA THR B 150 4.59 -5.15 3.39
C THR B 150 5.70 -4.68 4.31
N THR B 151 6.89 -5.24 4.13
CA THR B 151 8.03 -4.95 4.99
C THR B 151 9.25 -4.78 4.10
N ALA B 152 10.08 -3.82 4.43
CA ALA B 152 11.35 -3.65 3.74
C ALA B 152 12.44 -4.19 4.64
N VAL B 153 13.26 -5.10 4.10
CA VAL B 153 14.48 -5.55 4.77
C VAL B 153 15.64 -4.93 4.00
N VAL B 154 16.37 -4.04 4.64
CA VAL B 154 17.42 -3.27 3.98
C VAL B 154 18.73 -3.66 4.64
N THR B 155 19.62 -4.32 3.89
CA THR B 155 20.80 -4.95 4.48
C THR B 155 22.05 -4.66 3.66
N ASN B 156 23.18 -5.13 4.18
CA ASN B 156 24.48 -5.03 3.52
C ASN B 156 25.03 -6.44 3.31
#